data_4Z6I
#
_entry.id   4Z6I
#
_cell.length_a   60.015
_cell.length_b   29.458
_cell.length_c   141.187
_cell.angle_alpha   90.00
_cell.angle_beta   92.24
_cell.angle_gamma   90.00
#
_symmetry.space_group_name_H-M   'I 1 2 1'
#
loop_
_entity.id
_entity.type
_entity.pdbx_description
1 polymer 'Bromodomain-containing protein 9'
2 non-polymer 'tert-butyl [(2R,3S)-1-(1,4-dimethyl-2-oxo-1,2-dihydroquinolin-7-yl)-6-oxo-2-phenylpiperidin-3-yl]carbamate'
3 water water
#
_entity_poly.entity_id   1
_entity_poly.type   'polypeptide(L)'
_entity_poly.pdbx_seq_one_letter_code
;SMLKLSAENESTPIQQLLEHFLRQLQRKDPHGFFAFPVTDAIAPGYSMIIKHPMDFGTMKDKIVANEYKSVTEFKADFKL
MCDNAMTYNRPDTVYYKLAKKILHAGFKMMSKERLLALKRSMS
;
_entity_poly.pdbx_strand_id   A,B
#
loop_
_chem_comp.id
_chem_comp.type
_chem_comp.name
_chem_comp.formula
4L3 non-polymer 'tert-butyl [(2R,3S)-1-(1,4-dimethyl-2-oxo-1,2-dihydroquinolin-7-yl)-6-oxo-2-phenylpiperidin-3-yl]carbamate' 'C27 H31 N3 O4'
#
# COMPACT_ATOMS: atom_id res chain seq x y z
N SER A 11 1.69 -7.27 2.87
CA SER A 11 1.11 -7.96 4.06
C SER A 11 1.26 -7.06 5.35
N THR A 12 2.18 -6.11 5.29
CA THR A 12 2.26 -4.97 6.16
C THR A 12 2.17 -3.69 5.29
N PRO A 13 1.88 -2.54 5.93
CA PRO A 13 1.71 -1.27 5.18
C PRO A 13 2.92 -0.93 4.31
N ILE A 14 4.14 -1.01 4.85
CA ILE A 14 5.33 -0.65 4.10
C ILE A 14 5.51 -1.59 2.90
N GLN A 15 5.32 -2.89 3.10
CA GLN A 15 5.39 -3.87 2.03
C GLN A 15 4.43 -3.55 0.90
N GLN A 16 3.22 -3.08 1.25
CA GLN A 16 2.20 -2.80 0.28
C GLN A 16 2.52 -1.55 -0.50
N LEU A 17 3.08 -0.57 0.19
CA LEU A 17 3.46 0.66 -0.49
C LEU A 17 4.63 0.38 -1.47
N LEU A 18 5.62 -0.34 -1.01
CA LEU A 18 6.74 -0.65 -1.86
C LEU A 18 6.37 -1.56 -2.99
N GLU A 19 5.46 -2.54 -2.81
CA GLU A 19 4.97 -3.37 -3.92
C GLU A 19 4.30 -2.46 -4.96
N HIS A 20 3.67 -1.41 -4.48
CA HIS A 20 2.97 -0.44 -5.40
C HIS A 20 3.96 0.28 -6.28
N PHE A 21 4.96 0.86 -5.60
CA PHE A 21 6.05 1.56 -6.29
C PHE A 21 6.72 0.60 -7.27
N LEU A 22 7.01 -0.64 -6.85
CA LEU A 22 7.73 -1.56 -7.74
C LEU A 22 6.90 -1.81 -8.98
N ARG A 23 5.60 -2.04 -8.78
CA ARG A 23 4.70 -2.30 -9.92
C ARG A 23 4.76 -1.21 -10.91
N GLN A 24 4.73 0.03 -10.42
CA GLN A 24 4.70 1.20 -11.28
C GLN A 24 6.03 1.33 -12.05
N LEU A 25 7.13 1.08 -11.39
CA LEU A 25 8.45 1.07 -12.09
C LEU A 25 8.54 -0.08 -13.09
N GLN A 26 8.16 -1.27 -12.68
CA GLN A 26 8.19 -2.39 -13.65
C GLN A 26 7.31 -2.20 -14.90
N ARG A 27 6.17 -1.50 -14.81
CA ARG A 27 5.38 -1.12 -15.98
C ARG A 27 6.14 -0.32 -17.03
N LYS A 28 7.23 0.33 -16.63
CA LYS A 28 8.06 1.09 -17.55
C LYS A 28 9.10 0.22 -18.23
N ASP A 29 9.11 -1.07 -17.96
CA ASP A 29 10.10 -2.01 -18.55
C ASP A 29 9.32 -3.18 -19.20
N PRO A 30 8.63 -2.91 -20.33
CA PRO A 30 7.76 -3.88 -21.04
C PRO A 30 8.54 -5.05 -21.60
N HIS A 31 9.83 -4.88 -21.85
CA HIS A 31 10.71 -5.92 -22.35
C HIS A 31 11.27 -6.76 -21.23
N GLY A 32 11.11 -6.34 -20.00
CA GLY A 32 11.68 -7.15 -18.90
C GLY A 32 13.23 -7.10 -18.81
N PHE A 33 13.84 -6.02 -19.32
CA PHE A 33 15.34 -5.86 -19.29
C PHE A 33 15.85 -6.01 -17.87
N PHE A 34 15.09 -5.48 -16.91
CA PHE A 34 15.53 -5.43 -15.56
C PHE A 34 14.82 -6.44 -14.62
N ALA A 35 14.17 -7.46 -15.18
CA ALA A 35 13.32 -8.39 -14.34
C ALA A 35 14.09 -9.38 -13.43
N PHE A 36 15.30 -9.75 -13.85
CA PHE A 36 16.14 -10.75 -13.20
C PHE A 36 17.62 -10.35 -13.24
N PRO A 37 18.39 -10.89 -12.30
CA PRO A 37 19.85 -10.65 -12.31
C PRO A 37 20.52 -10.89 -13.66
N VAL A 38 21.36 -9.90 -14.06
CA VAL A 38 22.25 -10.08 -15.21
C VAL A 38 23.43 -10.93 -14.81
N THR A 39 23.70 -12.02 -15.53
CA THR A 39 24.86 -12.86 -15.20
C THR A 39 25.88 -12.74 -16.34
N ASP A 40 27.11 -13.17 -16.07
CA ASP A 40 28.13 -13.35 -17.06
C ASP A 40 27.72 -14.20 -18.27
N ALA A 41 26.82 -15.15 -18.05
CA ALA A 41 26.34 -16.02 -19.17
C ALA A 41 25.54 -15.20 -20.22
N ILE A 42 25.01 -14.04 -19.82
CA ILE A 42 24.37 -13.20 -20.80
C ILE A 42 25.17 -11.94 -21.08
N ALA A 43 26.01 -11.47 -20.15
CA ALA A 43 26.68 -10.21 -20.27
C ALA A 43 28.15 -10.41 -19.88
N PRO A 44 29.04 -10.65 -20.87
CA PRO A 44 30.45 -10.86 -20.57
C PRO A 44 31.08 -9.78 -19.71
N GLY A 45 31.81 -10.19 -18.65
CA GLY A 45 32.48 -9.29 -17.69
C GLY A 45 31.62 -8.57 -16.69
N TYR A 46 30.35 -8.91 -16.68
CA TYR A 46 29.39 -8.19 -15.81
C TYR A 46 29.79 -8.28 -14.30
N SER A 47 30.10 -9.49 -13.81
CA SER A 47 30.45 -9.68 -12.39
C SER A 47 31.79 -9.03 -12.03
N MET A 48 32.66 -8.72 -13.00
CA MET A 48 33.84 -7.93 -12.69
C MET A 48 33.58 -6.43 -12.67
N ILE A 49 32.81 -5.94 -13.63
CA ILE A 49 32.58 -4.54 -13.84
C ILE A 49 31.60 -4.06 -12.77
N ILE A 50 30.58 -4.85 -12.47
CA ILE A 50 29.47 -4.47 -11.53
C ILE A 50 29.58 -5.24 -10.22
N LYS A 51 30.04 -4.56 -9.18
CA LYS A 51 30.31 -5.22 -7.88
C LYS A 51 29.03 -5.54 -7.09
N HIS A 52 27.95 -4.75 -7.27
CA HIS A 52 26.70 -4.92 -6.51
C HIS A 52 25.51 -4.92 -7.47
N PRO A 53 25.24 -6.08 -8.14
CA PRO A 53 24.11 -6.17 -9.06
C PRO A 53 22.80 -5.96 -8.37
N MET A 54 21.80 -5.52 -9.15
CA MET A 54 20.48 -5.36 -8.61
C MET A 54 19.51 -5.49 -9.76
N ASP A 55 18.32 -6.02 -9.43
CA ASP A 55 17.26 -6.02 -10.43
C ASP A 55 15.91 -6.01 -9.74
N PHE A 56 14.84 -5.90 -10.51
CA PHE A 56 13.49 -5.84 -9.97
C PHE A 56 13.05 -7.12 -9.27
N GLY A 57 13.51 -8.25 -9.79
CA GLY A 57 13.15 -9.54 -9.17
C GLY A 57 13.73 -9.60 -7.80
N THR A 58 15.01 -9.25 -7.66
CA THR A 58 15.64 -9.20 -6.36
C THR A 58 14.94 -8.18 -5.42
N MET A 59 14.58 -6.99 -5.93
CA MET A 59 13.82 -6.00 -5.12
C MET A 59 12.47 -6.57 -4.67
N LYS A 60 11.71 -7.20 -5.58
CA LYS A 60 10.43 -7.98 -5.23
C LYS A 60 10.69 -8.96 -4.09
N ASP A 61 11.73 -9.78 -4.20
CA ASP A 61 12.11 -10.70 -3.11
C ASP A 61 12.39 -10.05 -1.76
N LYS A 62 13.14 -8.95 -1.77
CA LYS A 62 13.40 -8.20 -0.56
C LYS A 62 12.18 -7.56 0.06
N ILE A 63 11.23 -7.12 -0.76
CA ILE A 63 9.93 -6.63 -0.24
C ILE A 63 9.18 -7.76 0.44
N VAL A 64 9.04 -8.86 -0.27
CA VAL A 64 8.44 -10.08 0.22
C VAL A 64 9.07 -10.53 1.55
N ALA A 65 10.39 -10.47 1.65
CA ALA A 65 11.08 -10.81 2.85
C ALA A 65 11.07 -9.70 3.86
N ASN A 66 10.39 -8.58 3.60
CA ASN A 66 10.34 -7.42 4.50
C ASN A 66 11.71 -6.99 4.91
N GLU A 67 12.62 -6.92 3.93
CA GLU A 67 13.99 -6.50 4.18
C GLU A 67 14.26 -5.02 4.03
N TYR A 68 13.28 -4.24 3.58
CA TYR A 68 13.51 -2.81 3.42
C TYR A 68 12.93 -2.19 4.64
N LYS A 69 13.74 -1.47 5.39
CA LYS A 69 13.22 -0.75 6.57
C LYS A 69 12.48 0.50 6.12
N SER A 70 12.88 1.06 4.99
CA SER A 70 12.37 2.35 4.55
C SER A 70 12.29 2.51 3.06
N VAL A 71 11.59 3.56 2.69
CA VAL A 71 11.49 3.96 1.26
C VAL A 71 12.87 4.41 0.76
N THR A 72 13.67 5.02 1.63
CA THR A 72 15.06 5.38 1.27
C THR A 72 15.86 4.18 0.79
N GLU A 73 15.75 3.05 1.47
CA GLU A 73 16.52 1.87 1.16
C GLU A 73 16.08 1.29 -0.19
N PHE A 74 14.79 1.35 -0.44
CA PHE A 74 14.21 0.86 -1.67
C PHE A 74 14.64 1.70 -2.86
N LYS A 75 14.59 3.03 -2.71
CA LYS A 75 15.10 3.95 -3.67
C LYS A 75 16.60 3.73 -3.95
N ALA A 76 17.38 3.38 -2.94
CA ALA A 76 18.80 3.11 -3.12
C ALA A 76 19.05 1.92 -4.05
N ASP A 77 18.30 0.83 -3.80
CA ASP A 77 18.32 -0.34 -4.67
C ASP A 77 17.88 -0.03 -6.06
N PHE A 78 16.78 0.72 -6.23
CA PHE A 78 16.39 1.16 -7.59
C PHE A 78 17.47 1.98 -8.32
N LYS A 79 18.09 2.92 -7.60
CA LYS A 79 19.07 3.77 -8.23
C LYS A 79 20.31 2.91 -8.53
N LEU A 80 20.68 1.97 -7.66
CA LEU A 80 21.80 1.04 -7.96
C LEU A 80 21.60 0.23 -9.25
N MET A 81 20.42 -0.32 -9.40
CA MET A 81 20.04 -1.01 -10.64
C MET A 81 20.27 -0.15 -11.90
N CYS A 82 19.76 1.08 -11.89
CA CYS A 82 19.87 1.98 -13.02
C CYS A 82 21.31 2.40 -13.25
N ASP A 83 22.06 2.68 -12.18
CA ASP A 83 23.45 3.08 -12.27
C ASP A 83 24.29 1.96 -12.85
N ASN A 84 24.05 0.74 -12.44
CA ASN A 84 24.80 -0.40 -12.98
C ASN A 84 24.52 -0.49 -14.46
N ALA A 85 23.27 -0.30 -14.88
CA ALA A 85 22.94 -0.45 -16.33
C ALA A 85 23.69 0.60 -17.14
N MET A 86 23.87 1.76 -16.54
CA MET A 86 24.53 2.93 -17.16
C MET A 86 26.05 2.91 -17.09
N THR A 87 26.56 2.04 -16.26
CA THR A 87 27.97 1.69 -16.18
C THR A 87 28.39 0.61 -17.11
N TYR A 88 27.63 -0.45 -17.19
CA TYR A 88 28.06 -1.61 -17.97
C TYR A 88 27.77 -1.42 -19.46
N ASN A 89 26.66 -0.77 -19.76
CA ASN A 89 26.22 -0.64 -21.15
C ASN A 89 26.60 0.71 -21.74
N ARG A 90 26.88 0.69 -23.02
CA ARG A 90 27.12 1.94 -23.73
C ARG A 90 25.88 2.82 -23.91
N PRO A 91 26.11 4.14 -24.02
CA PRO A 91 25.01 5.07 -24.13
C PRO A 91 23.99 4.88 -25.30
N ASP A 92 24.39 4.26 -26.39
CA ASP A 92 23.45 4.04 -27.49
C ASP A 92 22.54 2.80 -27.30
N THR A 93 22.77 2.03 -26.22
CA THR A 93 21.99 0.82 -26.00
C THR A 93 20.63 1.11 -25.37
N VAL A 94 19.75 0.17 -25.63
CA VAL A 94 18.42 0.10 -25.04
C VAL A 94 18.53 0.05 -23.55
N TYR A 95 19.58 -0.57 -22.98
CA TYR A 95 19.65 -0.81 -21.55
C TYR A 95 19.97 0.50 -20.87
N TYR A 96 20.89 1.22 -21.47
CA TYR A 96 21.37 2.49 -20.89
C TYR A 96 20.29 3.49 -20.94
N LYS A 97 19.63 3.62 -22.12
CA LYS A 97 18.55 4.55 -22.32
C LYS A 97 17.40 4.36 -21.43
N LEU A 98 16.98 3.12 -21.29
CA LEU A 98 15.83 2.84 -20.45
C LEU A 98 16.15 3.11 -19.00
N ALA A 99 17.34 2.76 -18.61
CA ALA A 99 17.84 2.98 -17.18
C ALA A 99 17.85 4.43 -16.84
N LYS A 100 18.35 5.22 -17.73
CA LYS A 100 18.39 6.67 -17.49
C LYS A 100 16.99 7.22 -17.39
N LYS A 101 16.14 6.79 -18.29
CA LYS A 101 14.77 7.20 -18.31
C LYS A 101 13.99 6.83 -17.10
N ILE A 102 14.04 5.54 -16.71
CA ILE A 102 13.28 5.11 -15.58
C ILE A 102 13.86 5.57 -14.23
N LEU A 103 15.14 5.88 -14.18
CA LEU A 103 15.74 6.46 -12.98
C LEU A 103 15.10 7.79 -12.68
N HIS A 104 14.95 8.63 -13.71
CA HIS A 104 14.34 9.95 -13.49
C HIS A 104 12.86 9.90 -13.25
N ALA A 105 12.16 9.00 -13.94
CA ALA A 105 10.74 8.76 -13.71
C ALA A 105 10.47 8.26 -12.28
N GLY A 106 11.33 7.37 -11.77
CA GLY A 106 11.12 6.80 -10.46
C GLY A 106 11.42 7.70 -9.29
N PHE A 107 12.43 8.53 -9.45
CA PHE A 107 12.79 9.53 -8.46
C PHE A 107 11.78 10.68 -8.44
N LYS A 108 11.05 10.89 -9.53
CA LYS A 108 9.93 11.84 -9.52
C LYS A 108 8.78 11.23 -8.71
N MET A 109 8.40 9.99 -9.09
CA MET A 109 7.38 9.19 -8.37
C MET A 109 7.56 9.13 -6.89
N MET A 110 8.79 8.99 -6.44
CA MET A 110 9.15 8.75 -5.04
C MET A 110 9.91 9.92 -4.46
N SER A 111 9.59 11.13 -4.96
CA SER A 111 10.32 12.36 -4.62
C SER A 111 10.07 12.64 -3.19
N LYS A 112 11.01 13.31 -2.57
CA LYS A 112 10.80 13.93 -1.27
C LYS A 112 9.46 14.69 -1.12
N GLU A 113 9.13 15.54 -2.08
CA GLU A 113 7.81 16.20 -2.00
C GLU A 113 6.58 15.24 -1.98
N ARG A 114 6.51 14.27 -2.91
CA ARG A 114 5.46 13.30 -2.95
C ARG A 114 5.37 12.44 -1.67
N LEU A 115 6.53 11.99 -1.16
CA LEU A 115 6.56 11.26 0.13
C LEU A 115 6.06 12.13 1.33
N LEU A 116 6.39 13.43 1.33
CA LEU A 116 5.89 14.30 2.42
C LEU A 116 4.40 14.41 2.39
N ALA A 117 3.84 14.55 1.21
CA ALA A 117 2.39 14.62 1.06
C ALA A 117 1.73 13.32 1.55
N LEU A 118 2.37 12.22 1.22
CA LEU A 118 1.87 10.90 1.59
C LEU A 118 1.91 10.76 3.12
N LYS A 119 3.00 11.23 3.70
CA LYS A 119 3.11 11.32 5.15
C LYS A 119 2.04 12.17 5.82
N ARG A 120 1.72 13.34 5.27
CA ARG A 120 0.61 14.18 5.84
C ARG A 120 -0.76 13.49 5.73
N SER A 121 -0.94 12.77 4.66
CA SER A 121 -2.15 11.99 4.46
C SER A 121 -2.25 10.81 5.47
N MET A 122 -1.14 10.31 5.96
CA MET A 122 -1.11 9.29 7.02
C MET A 122 -1.24 9.79 8.46
N SER A 123 -1.47 11.08 8.61
CA SER A 123 -2.13 11.62 9.78
C SER A 123 -3.64 11.17 9.73
N SER B 11 -4.37 2.59 -7.16
CA SER B 11 -3.31 3.14 -8.05
C SER B 11 -2.59 4.41 -7.57
N THR B 12 -2.93 4.92 -6.39
CA THR B 12 -2.07 5.92 -5.72
C THR B 12 -1.66 5.24 -4.46
N PRO B 13 -0.55 5.73 -3.86
CA PRO B 13 -0.09 5.14 -2.60
C PRO B 13 -1.13 5.09 -1.47
N ILE B 14 -1.85 6.20 -1.30
CA ILE B 14 -2.89 6.32 -0.36
C ILE B 14 -3.98 5.28 -0.56
N GLN B 15 -4.43 5.10 -1.82
CA GLN B 15 -5.45 4.10 -2.08
C GLN B 15 -4.96 2.71 -1.75
N GLN B 16 -3.67 2.46 -2.09
CA GLN B 16 -3.03 1.16 -1.77
C GLN B 16 -2.94 0.89 -0.27
N LEU B 17 -2.58 1.89 0.51
CA LEU B 17 -2.57 1.76 1.93
C LEU B 17 -3.93 1.55 2.56
N LEU B 18 -4.89 2.32 2.15
CA LEU B 18 -6.26 2.09 2.63
C LEU B 18 -6.87 0.78 2.23
N GLU B 19 -6.59 0.28 1.01
CA GLU B 19 -7.05 -1.05 0.59
C GLU B 19 -6.46 -2.13 1.48
N HIS B 20 -5.21 -1.95 1.89
CA HIS B 20 -4.57 -2.89 2.79
C HIS B 20 -5.23 -2.92 4.15
N PHE B 21 -5.48 -1.73 4.70
CA PHE B 21 -6.17 -1.64 6.03
C PHE B 21 -7.55 -2.22 5.91
N LEU B 22 -8.28 -1.84 4.85
CA LEU B 22 -9.58 -2.38 4.61
C LEU B 22 -9.64 -3.93 4.54
N ARG B 23 -8.71 -4.52 3.79
CA ARG B 23 -8.64 -6.02 3.67
C ARG B 23 -8.48 -6.69 5.01
N GLN B 24 -7.58 -6.10 5.82
CA GLN B 24 -7.22 -6.59 7.13
C GLN B 24 -8.43 -6.56 8.09
N LEU B 25 -9.18 -5.49 8.01
CA LEU B 25 -10.42 -5.37 8.77
C LEU B 25 -11.54 -6.33 8.34
N GLN B 26 -11.74 -6.43 7.05
CA GLN B 26 -12.70 -7.36 6.49
C GLN B 26 -12.44 -8.80 6.71
N ARG B 27 -11.17 -9.20 6.77
CA ARG B 27 -10.83 -10.58 7.20
C ARG B 27 -11.37 -10.87 8.56
N LYS B 28 -11.52 -9.86 9.43
CA LYS B 28 -12.15 -10.10 10.76
C LYS B 28 -13.68 -10.28 10.77
N ASP B 29 -14.31 -10.14 9.61
CA ASP B 29 -15.75 -10.28 9.42
C ASP B 29 -16.05 -11.31 8.35
N PRO B 30 -15.68 -12.61 8.58
CA PRO B 30 -15.83 -13.65 7.55
C PRO B 30 -17.24 -13.92 7.08
N HIS B 31 -18.25 -13.67 7.93
CA HIS B 31 -19.64 -13.82 7.50
C HIS B 31 -20.17 -12.62 6.68
N GLY B 32 -19.44 -11.53 6.60
CA GLY B 32 -19.90 -10.42 5.76
C GLY B 32 -20.99 -9.64 6.45
N PHE B 33 -21.06 -9.66 7.78
CA PHE B 33 -22.03 -8.88 8.52
C PHE B 33 -22.05 -7.35 8.09
N PHE B 34 -20.86 -6.83 7.84
CA PHE B 34 -20.58 -5.40 7.58
C PHE B 34 -20.22 -5.13 6.10
N ALA B 35 -20.52 -6.09 5.21
CA ALA B 35 -20.01 -6.05 3.82
C ALA B 35 -20.89 -5.05 3.02
N PHE B 36 -22.15 -4.87 3.45
CA PHE B 36 -23.10 -4.07 2.68
C PHE B 36 -24.05 -3.27 3.57
N PRO B 37 -24.69 -2.21 3.00
CA PRO B 37 -25.50 -1.32 3.87
C PRO B 37 -26.68 -2.12 4.48
N VAL B 38 -26.94 -1.89 5.76
CA VAL B 38 -27.98 -2.59 6.50
C VAL B 38 -29.34 -2.00 5.99
N THR B 39 -30.28 -2.89 5.70
CA THR B 39 -31.58 -2.54 5.12
C THR B 39 -32.57 -2.51 6.30
N ASP B 40 -33.60 -1.65 6.21
CA ASP B 40 -34.70 -1.70 7.17
C ASP B 40 -35.44 -3.04 7.08
N ALA B 41 -35.43 -3.67 5.92
CA ALA B 41 -36.01 -5.00 5.82
C ALA B 41 -35.36 -6.03 6.76
N ILE B 42 -34.05 -6.02 6.81
CA ILE B 42 -33.32 -6.95 7.62
C ILE B 42 -33.21 -6.54 9.09
N ALA B 43 -33.27 -5.22 9.34
CA ALA B 43 -33.05 -4.59 10.66
C ALA B 43 -34.19 -3.56 10.83
N PRO B 44 -35.33 -3.98 11.35
CA PRO B 44 -36.47 -3.07 11.41
C PRO B 44 -36.18 -1.81 12.18
N GLY B 45 -36.56 -0.68 11.64
CA GLY B 45 -36.32 0.57 12.35
C GLY B 45 -34.93 1.11 12.19
N TYR B 46 -34.06 0.42 11.44
CA TYR B 46 -32.62 0.84 11.37
C TYR B 46 -32.44 2.30 10.95
N SER B 47 -33.09 2.68 9.84
CA SER B 47 -33.10 4.09 9.39
C SER B 47 -33.74 5.11 10.36
N MET B 48 -34.56 4.68 11.31
CA MET B 48 -35.11 5.60 12.32
C MET B 48 -34.14 5.81 13.51
N ILE B 49 -33.14 4.93 13.63
CA ILE B 49 -32.14 4.92 14.72
C ILE B 49 -30.78 5.47 14.21
N ILE B 50 -30.38 5.13 12.98
CA ILE B 50 -29.00 5.36 12.54
C ILE B 50 -29.12 6.41 11.45
N LYS B 51 -28.65 7.62 11.71
CA LYS B 51 -28.64 8.72 10.71
C LYS B 51 -27.57 8.70 9.67
N HIS B 52 -26.45 8.08 9.95
CA HIS B 52 -25.32 8.06 9.07
C HIS B 52 -24.77 6.62 8.91
N PRO B 53 -25.34 5.84 8.01
CA PRO B 53 -24.99 4.41 7.87
C PRO B 53 -23.65 4.27 7.21
N MET B 54 -22.99 3.21 7.55
CA MET B 54 -21.68 2.96 6.95
C MET B 54 -21.44 1.50 6.86
N ASP B 55 -20.68 1.09 5.84
CA ASP B 55 -20.37 -0.36 5.66
C ASP B 55 -19.07 -0.47 4.88
N PHE B 56 -18.46 -1.66 4.96
CA PHE B 56 -17.18 -1.94 4.20
C PHE B 56 -17.30 -1.77 2.69
N GLY B 57 -18.44 -2.09 2.09
CA GLY B 57 -18.59 -1.91 0.66
C GLY B 57 -18.55 -0.43 0.26
N THR B 58 -19.26 0.42 1.02
CA THR B 58 -19.16 1.84 0.85
C THR B 58 -17.74 2.38 1.06
N MET B 59 -17.04 1.87 2.07
CA MET B 59 -15.64 2.32 2.29
C MET B 59 -14.75 1.92 1.11
N LYS B 60 -14.98 0.74 0.58
CA LYS B 60 -14.26 0.26 -0.61
C LYS B 60 -14.51 1.16 -1.79
N ASP B 61 -15.79 1.48 -2.05
CA ASP B 61 -16.11 2.40 -3.06
C ASP B 61 -15.52 3.79 -2.93
N LYS B 62 -15.50 4.30 -1.68
CA LYS B 62 -14.80 5.56 -1.41
C LYS B 62 -13.31 5.48 -1.69
N ILE B 63 -12.67 4.35 -1.38
CA ILE B 63 -11.20 4.24 -1.71
C ILE B 63 -11.02 4.29 -3.20
N VAL B 64 -11.78 3.45 -3.89
CA VAL B 64 -11.76 3.47 -5.39
C VAL B 64 -12.03 4.87 -5.99
N ALA B 65 -13.09 5.52 -5.55
CA ALA B 65 -13.37 6.89 -5.97
C ALA B 65 -12.36 7.95 -5.46
N ASN B 66 -11.31 7.54 -4.78
CA ASN B 66 -10.32 8.43 -4.17
C ASN B 66 -10.92 9.54 -3.30
N GLU B 67 -11.96 9.22 -2.51
CA GLU B 67 -12.64 10.21 -1.63
C GLU B 67 -12.03 10.40 -0.26
N TYR B 68 -11.05 9.57 0.15
CA TYR B 68 -10.39 9.72 1.45
C TYR B 68 -9.11 10.49 1.25
N LYS B 69 -8.97 11.64 1.90
CA LYS B 69 -7.74 12.46 1.85
C LYS B 69 -6.80 12.05 2.92
N SER B 70 -7.26 11.27 3.93
CA SER B 70 -6.40 10.89 5.00
C SER B 70 -6.82 9.61 5.64
N VAL B 71 -5.87 8.98 6.28
CA VAL B 71 -6.20 7.82 7.11
C VAL B 71 -7.18 8.22 8.23
N THR B 72 -7.02 9.45 8.74
CA THR B 72 -8.03 9.96 9.67
C THR B 72 -9.45 9.85 9.16
N GLU B 73 -9.74 10.28 7.91
CA GLU B 73 -11.07 10.21 7.42
C GLU B 73 -11.52 8.73 7.28
N PHE B 74 -10.57 7.85 6.93
CA PHE B 74 -10.91 6.42 6.75
C PHE B 74 -11.29 5.84 8.09
N LYS B 75 -10.47 6.15 9.07
CA LYS B 75 -10.71 5.71 10.45
C LYS B 75 -12.04 6.15 10.98
N ALA B 76 -12.41 7.38 10.68
CA ALA B 76 -13.75 7.93 11.02
C ALA B 76 -14.92 7.15 10.51
N ASP B 77 -14.88 6.76 9.27
CA ASP B 77 -15.82 5.88 8.62
C ASP B 77 -15.86 4.53 9.28
N PHE B 78 -14.70 3.94 9.56
CA PHE B 78 -14.65 2.59 10.19
C PHE B 78 -15.34 2.70 11.58
N LYS B 79 -15.00 3.78 12.29
CA LYS B 79 -15.55 3.95 13.62
C LYS B 79 -17.06 4.12 13.58
N LEU B 80 -17.53 4.85 12.59
CA LEU B 80 -18.94 5.08 12.36
C LEU B 80 -19.74 3.76 12.13
N MET B 81 -19.23 2.95 11.29
CA MET B 81 -19.84 1.66 11.05
C MET B 81 -19.97 0.86 12.34
N CYS B 82 -18.89 0.83 13.13
CA CYS B 82 -18.91 0.03 14.36
C CYS B 82 -19.82 0.67 15.41
N ASP B 83 -19.75 1.99 15.55
CA ASP B 83 -20.61 2.69 16.50
C ASP B 83 -22.07 2.48 16.13
N ASN B 84 -22.39 2.57 14.88
CA ASN B 84 -23.75 2.30 14.41
C ASN B 84 -24.23 0.90 14.84
N ALA B 85 -23.41 -0.12 14.64
CA ALA B 85 -23.76 -1.49 15.11
C ALA B 85 -23.97 -1.59 16.56
N MET B 86 -23.20 -0.80 17.33
CA MET B 86 -23.32 -0.83 18.85
C MET B 86 -24.42 0.09 19.39
N THR B 87 -24.99 0.91 18.53
CA THR B 87 -26.15 1.75 18.85
C THR B 87 -27.42 1.00 18.55
N TYR B 88 -27.50 0.43 17.35
CA TYR B 88 -28.75 -0.23 16.95
C TYR B 88 -28.98 -1.56 17.60
N ASN B 89 -27.94 -2.41 17.72
CA ASN B 89 -28.10 -3.78 18.19
C ASN B 89 -27.85 -3.85 19.65
N ARG B 90 -28.56 -4.77 20.32
CA ARG B 90 -28.34 -4.97 21.74
C ARG B 90 -26.97 -5.63 21.95
N PRO B 91 -26.41 -5.50 23.18
CA PRO B 91 -25.11 -5.97 23.44
C PRO B 91 -24.94 -7.50 23.42
N ASP B 92 -26.01 -8.23 23.58
CA ASP B 92 -26.01 -9.73 23.47
C ASP B 92 -25.84 -10.24 22.03
N THR B 93 -25.87 -9.36 21.02
CA THR B 93 -26.00 -9.85 19.65
C THR B 93 -24.62 -10.09 19.09
N VAL B 94 -24.55 -11.02 18.12
CA VAL B 94 -23.36 -11.25 17.38
C VAL B 94 -22.87 -9.92 16.69
N TYR B 95 -23.82 -9.09 16.25
CA TYR B 95 -23.51 -7.83 15.55
C TYR B 95 -22.82 -6.82 16.45
N TYR B 96 -23.37 -6.55 17.61
CA TYR B 96 -22.70 -5.68 18.60
C TYR B 96 -21.35 -6.20 19.01
N LYS B 97 -21.29 -7.48 19.35
CA LYS B 97 -20.06 -8.10 19.82
C LYS B 97 -18.93 -8.03 18.78
N LEU B 98 -19.22 -8.42 17.55
CA LEU B 98 -18.23 -8.33 16.44
C LEU B 98 -17.81 -6.88 16.22
N ALA B 99 -18.75 -5.94 16.20
CA ALA B 99 -18.39 -4.51 15.97
C ALA B 99 -17.42 -4.01 17.04
N LYS B 100 -17.67 -4.39 18.28
CA LYS B 100 -16.85 -3.95 19.38
C LYS B 100 -15.46 -4.49 19.24
N LYS B 101 -15.39 -5.78 18.92
CA LYS B 101 -14.09 -6.48 18.77
C LYS B 101 -13.26 -5.89 17.62
N ILE B 102 -13.92 -5.70 16.47
CA ILE B 102 -13.21 -5.19 15.29
C ILE B 102 -12.83 -3.75 15.35
N LEU B 103 -13.62 -2.94 16.03
CA LEU B 103 -13.24 -1.57 16.37
C LEU B 103 -11.93 -1.46 17.11
N HIS B 104 -11.79 -2.23 18.19
CA HIS B 104 -10.55 -2.14 18.96
C HIS B 104 -9.39 -2.72 18.19
N ALA B 105 -9.61 -3.73 17.38
CA ALA B 105 -8.51 -4.32 16.55
C ALA B 105 -8.08 -3.37 15.50
N GLY B 106 -9.05 -2.73 14.85
CA GLY B 106 -8.80 -1.74 13.86
C GLY B 106 -8.04 -0.55 14.35
N PHE B 107 -8.44 -0.02 15.49
CA PHE B 107 -7.75 1.12 16.03
C PHE B 107 -6.36 0.83 16.58
N LYS B 108 -6.10 -0.42 16.92
CA LYS B 108 -4.76 -0.85 17.24
C LYS B 108 -3.85 -0.95 15.98
N MET B 109 -4.43 -1.52 14.94
CA MET B 109 -3.77 -1.65 13.62
C MET B 109 -3.46 -0.27 13.09
N MET B 110 -4.35 0.67 13.26
CA MET B 110 -4.18 2.05 12.77
C MET B 110 -3.92 3.07 13.84
N SER B 111 -3.13 2.66 14.86
CA SER B 111 -2.92 3.52 16.01
C SER B 111 -2.05 4.72 15.60
N LYS B 112 -2.13 5.84 16.32
CA LYS B 112 -1.17 6.97 16.05
C LYS B 112 0.30 6.55 16.08
N GLU B 113 0.55 5.61 16.98
CA GLU B 113 1.90 5.01 17.20
C GLU B 113 2.33 4.26 15.92
N ARG B 114 1.49 3.35 15.45
CA ARG B 114 1.75 2.67 14.13
C ARG B 114 1.81 3.58 12.90
N LEU B 115 0.94 4.57 12.82
CA LEU B 115 1.00 5.54 11.70
C LEU B 115 2.28 6.38 11.72
N LEU B 116 2.67 6.83 12.90
CA LEU B 116 4.02 7.42 13.11
C LEU B 116 5.19 6.61 12.56
N ALA B 117 5.26 5.34 13.00
CA ALA B 117 6.28 4.42 12.55
C ALA B 117 6.31 4.36 11.04
N LEU B 118 5.09 4.27 10.49
CA LEU B 118 4.87 4.10 9.05
C LEU B 118 5.35 5.32 8.34
N LYS B 119 5.08 6.49 8.94
CA LYS B 119 5.54 7.75 8.43
C LYS B 119 7.04 7.83 8.39
N ARG B 120 7.68 7.38 9.47
CA ARG B 120 9.15 7.41 9.55
C ARG B 120 9.83 6.54 8.47
N SER B 121 9.34 5.33 8.33
CA SER B 121 9.78 4.41 7.28
C SER B 121 9.46 4.87 5.82
N MET B 122 8.51 5.81 5.64
CA MET B 122 8.24 6.47 4.35
C MET B 122 9.20 7.60 4.04
N SER B 123 10.14 7.86 4.92
CA SER B 123 11.26 8.68 4.59
C SER B 123 12.53 7.83 4.39
CAK 4L3 C . 23.88 -7.63 -21.82
CAJ 4L3 C . 22.84 -7.09 -20.90
CAI 4L3 C . 23.11 -6.05 -20.04
CAH 4L3 C . 22.14 -5.54 -19.15
OAL 4L3 C . 22.44 -4.60 -18.41
NAG 4L3 C . 20.85 -6.03 -19.20
CAM 4L3 C . 19.78 -5.46 -18.31
CAD 4L3 C . 20.51 -7.02 -20.10
CAC 4L3 C . 19.20 -7.53 -20.18
CAE 4L3 C . 21.52 -7.61 -20.91
CAF 4L3 C . 21.17 -8.65 -21.78
CAA 4L3 C . 19.86 -9.15 -21.85
CAB 4L3 C . 18.89 -8.59 -21.04
NAN 4L3 C . 17.59 -9.01 -21.18
CAO 4L3 C . 16.98 -8.70 -22.37
OAT 4L3 C . 17.64 -8.12 -23.29
CAP 4L3 C . 15.65 -9.09 -22.73
CAQ 4L3 C . 14.83 -9.43 -21.46
CAR 4L3 C . 15.60 -10.29 -20.54
NBA 4L3 C . 14.71 -10.47 -19.40
CBB 4L3 C . 13.87 -11.52 -19.38
OBH 4L3 C . 13.95 -12.40 -20.24
OBC 4L3 C . 12.95 -11.56 -18.41
CBD 4L3 C . 11.75 -12.40 -18.53
CBF 4L3 C . 11.06 -12.24 -19.92
CBG 4L3 C . 10.84 -11.95 -17.38
CBE 4L3 C . 12.15 -13.87 -18.31
CAS 4L3 C . 16.89 -9.56 -20.04
CAU 4L3 C . 17.69 -10.41 -19.26
CAV 4L3 C . 17.95 -10.07 -17.92
CAW 4L3 C . 18.74 -10.93 -17.10
CAX 4L3 C . 19.26 -12.10 -17.64
CAY 4L3 C . 18.98 -12.43 -18.98
CAZ 4L3 C . 18.21 -11.59 -19.80
CAK 4L3 D . -30.11 -6.93 12.19
CAJ 4L3 D . -28.79 -6.65 11.71
CAI 4L3 D . -28.11 -5.59 12.24
CAH 4L3 D . -26.81 -5.24 11.81
OAL 4L3 D . -26.24 -4.31 12.37
NAG 4L3 D . -26.20 -5.97 10.84
CAM 4L3 D . -24.80 -5.54 10.45
CAD 4L3 D . -26.83 -7.03 10.27
CAC 4L3 D . -26.22 -7.82 9.27
CAE 4L3 D . -28.14 -7.39 10.70
CAF 4L3 D . -28.76 -8.50 10.09
CAA 4L3 D . -28.15 -9.23 9.08
CAB 4L3 D . -26.85 -8.91 8.67
NAN 4L3 D . -26.21 -9.67 7.70
CAO 4L3 D . -25.98 -11.00 8.00
OAT 4L3 D . -26.49 -11.44 9.01
CAP 4L3 D . -25.28 -11.92 7.20
CAQ 4L3 D . -24.48 -11.27 6.09
CAR 4L3 D . -25.26 -10.18 5.46
NBA 4L3 D . -24.37 -9.55 4.50
CBB 4L3 D . -24.67 -9.39 3.18
OBH 4L3 D . -23.79 -8.89 2.46
OBC 4L3 D . -25.89 -9.82 2.69
CBD 4L3 D . -26.36 -9.47 1.34
CBF 4L3 D . -27.76 -10.08 1.13
CBG 4L3 D . -25.39 -10.05 0.27
CBE 4L3 D . -26.46 -7.94 1.21
CAS 4L3 D . -25.64 -9.08 6.50
CAU 4L3 D . -26.51 -8.16 5.85
CAV 4L3 D . -26.05 -6.87 5.59
CAW 4L3 D . -26.88 -5.96 4.94
CAX 4L3 D . -28.17 -6.33 4.54
CAY 4L3 D . -28.64 -7.61 4.81
CAZ 4L3 D . -27.81 -8.54 5.47
#